data_5VKB
#
_entry.id   5VKB
#
_cell.length_a   48.482
_cell.length_b   81.743
_cell.length_c   87.811
_cell.angle_alpha   90.000
_cell.angle_beta   90.000
_cell.angle_gamma   90.000
#
_symmetry.space_group_name_H-M   'P 21 21 21'
#
loop_
_entity.id
_entity.type
_entity.pdbx_description
1 polymer '2-oxoglutarate-dependent ethylene/succinate-forming enzyme'
2 non-polymer 'MANGANESE (II) ION'
3 non-polymer '2-OXOGLUTARIC ACID'
4 non-polymer ARGININEAMIDE
5 water water
#
_entity_poly.entity_id   1
_entity_poly.type   'polypeptide(L)'
_entity_poly.pdbx_seq_one_letter_code
;SH(MSE)TNLQTFELPTEVTGCAADISLGRALIQAWQKDGIFQIKTDSEQDRKTQEA(MSE)AASKQFCKEPLTFKSSCV
SDLTYSGYVASGEEVTAGKPDFPEIFTVCKDLSVGDQRVKAGWPCHGPVPWPNNTYQKS(MSE)KTF(MSE)EELGLAGE
RLLKLTALGFELPINTFTDLTRDGWHH(MSE)RVLRFPPQTSTLSRGIGAHTDYGLLVIAAQDDVGGLYIRPPVEGEKRN
RNWLPGESSAG(MSE)FEHDEPWTFVTPTPGVWTVFPGDILQF(MSE)TGGQLLSTPHKVKLNTRERFACAYFHEPNFEA
SAYPLFEPSANERIHYGEHFTN(MSE)F(MSE)RCYPDRITTQRINKENRLAHLEDLKKYSDTRATGS
;
_entity_poly.pdbx_strand_id   A
#
loop_
_chem_comp.id
_chem_comp.type
_chem_comp.name
_chem_comp.formula
AKG non-polymer '2-OXOGLUTARIC ACID' 'C5 H6 O5'
MN non-polymer 'MANGANESE (II) ION' 'Mn 2'
#
# COMPACT_ATOMS: atom_id res chain seq x y z
N ASN A 5 -7.62 16.20 15.58
CA ASN A 5 -7.08 15.29 16.59
C ASN A 5 -7.48 13.84 16.30
N LEU A 6 -6.56 13.05 15.77
CA LEU A 6 -6.90 11.70 15.37
C LEU A 6 -7.08 10.81 16.58
N GLN A 7 -7.86 9.75 16.40
N GLN A 7 -7.90 9.76 16.41
CA GLN A 7 -8.01 8.76 17.45
CA GLN A 7 -8.04 8.72 17.40
C GLN A 7 -6.87 7.77 17.38
C GLN A 7 -6.81 7.82 17.37
N THR A 8 -6.41 7.35 18.55
CA THR A 8 -5.33 6.38 18.69
C THR A 8 -5.87 5.20 19.48
N PHE A 9 -5.68 4.00 18.93
CA PHE A 9 -6.12 2.76 19.55
C PHE A 9 -4.93 1.84 19.77
N GLU A 10 -4.99 1.07 20.84
CA GLU A 10 -4.09 -0.06 21.01
C GLU A 10 -4.84 -1.32 20.63
N LEU A 11 -4.26 -2.11 19.74
CA LEU A 11 -4.92 -3.34 19.33
C LEU A 11 -4.53 -4.47 20.26
N PRO A 12 -5.44 -5.41 20.52
CA PRO A 12 -5.05 -6.63 21.24
C PRO A 12 -4.11 -7.48 20.40
N THR A 13 -3.27 -8.25 21.07
CA THR A 13 -2.33 -9.08 20.33
C THR A 13 -3.05 -10.11 19.46
N GLU A 14 -4.08 -10.75 20.02
CA GLU A 14 -4.91 -11.68 19.28
C GLU A 14 -6.35 -11.20 19.32
N VAL A 15 -7.05 -11.40 18.21
CA VAL A 15 -8.45 -11.03 18.05
C VAL A 15 -9.25 -12.31 18.01
N THR A 16 -10.13 -12.48 19.00
CA THR A 16 -10.89 -13.72 19.15
C THR A 16 -12.38 -13.57 18.89
N GLY A 17 -12.89 -12.35 18.79
CA GLY A 17 -14.32 -12.16 18.61
C GLY A 17 -15.11 -11.91 19.87
N CYS A 18 -14.44 -11.71 21.00
CA CYS A 18 -15.11 -11.34 22.24
C CYS A 18 -15.74 -9.95 22.11
N ALA A 19 -16.53 -9.59 23.13
CA ALA A 19 -17.27 -8.32 23.07
C ALA A 19 -16.32 -7.14 22.92
N ALA A 20 -15.16 -7.17 23.59
CA ALA A 20 -14.22 -6.06 23.49
C ALA A 20 -13.71 -5.92 22.07
N ASP A 21 -13.45 -7.04 21.39
CA ASP A 21 -12.99 -6.98 20.01
C ASP A 21 -14.06 -6.41 19.11
N ILE A 22 -15.31 -6.83 19.28
CA ILE A 22 -16.39 -6.30 18.46
C ILE A 22 -16.51 -4.80 18.68
N SER A 23 -16.47 -4.38 19.94
CA SER A 23 -16.53 -2.95 20.24
C SER A 23 -15.40 -2.20 19.56
N LEU A 24 -14.17 -2.72 19.64
CA LEU A 24 -13.05 -2.05 18.99
C LEU A 24 -13.28 -1.94 17.49
N GLY A 25 -13.75 -3.03 16.86
CA GLY A 25 -14.05 -2.97 15.44
C GLY A 25 -15.06 -1.88 15.12
N ARG A 26 -16.10 -1.74 15.94
CA ARG A 26 -17.06 -0.66 15.72
C ARG A 26 -16.36 0.69 15.76
N ALA A 27 -15.47 0.88 16.73
CA ALA A 27 -14.77 2.14 16.89
C ALA A 27 -13.83 2.44 15.73
N LEU A 28 -13.16 1.42 15.19
CA LEU A 28 -12.28 1.62 14.05
C LEU A 28 -13.08 2.08 12.84
N ILE A 29 -14.21 1.42 12.59
CA ILE A 29 -15.06 1.80 11.48
C ILE A 29 -15.54 3.23 11.67
N GLN A 30 -16.01 3.56 12.87
N GLN A 30 -15.99 3.57 12.89
CA GLN A 30 -16.50 4.92 13.10
CA GLN A 30 -16.50 4.91 13.16
C GLN A 30 -15.40 5.95 12.88
C GLN A 30 -15.42 5.96 12.95
N ALA A 31 -14.17 5.64 13.31
CA ALA A 31 -13.08 6.59 13.10
C ALA A 31 -12.75 6.77 11.63
N TRP A 32 -12.74 5.68 10.86
CA TRP A 32 -12.58 5.82 9.42
C TRP A 32 -13.72 6.63 8.81
N GLN A 33 -14.95 6.41 9.28
CA GLN A 33 -16.10 7.10 8.69
C GLN A 33 -16.13 8.58 9.04
N LYS A 34 -15.53 8.98 10.16
CA LYS A 34 -15.47 10.37 10.56
C LYS A 34 -14.21 11.05 10.02
N ASP A 35 -13.05 10.44 10.25
CA ASP A 35 -11.77 11.11 9.98
C ASP A 35 -11.03 10.57 8.77
N GLY A 36 -11.39 9.39 8.27
CA GLY A 36 -10.67 8.78 7.17
C GLY A 36 -9.39 8.06 7.56
N ILE A 37 -9.05 8.03 8.85
CA ILE A 37 -7.74 7.56 9.30
C ILE A 37 -7.82 7.43 10.81
N PHE A 38 -7.00 6.55 11.38
CA PHE A 38 -6.73 6.57 12.80
C PHE A 38 -5.30 6.10 13.01
N GLN A 39 -4.85 6.21 14.25
CA GLN A 39 -3.52 5.79 14.65
C GLN A 39 -3.65 4.54 15.51
N ILE A 40 -2.67 3.66 15.39
CA ILE A 40 -2.51 2.55 16.32
C ILE A 40 -1.20 2.71 17.06
N LYS A 41 -1.26 2.50 18.37
CA LYS A 41 -0.10 2.64 19.23
C LYS A 41 0.85 1.47 19.01
N THR A 42 2.14 1.78 18.87
CA THR A 42 3.13 0.74 18.70
C THR A 42 3.78 0.39 20.03
N ASP A 43 4.15 -0.87 20.16
CA ASP A 43 4.92 -1.33 21.30
C ASP A 43 6.40 -1.23 20.99
N SER A 44 7.24 -1.65 21.94
CA SER A 44 8.67 -1.38 21.79
C SER A 44 9.26 -2.12 20.60
N GLU A 45 8.80 -3.34 20.32
CA GLU A 45 9.34 -4.08 19.19
C GLU A 45 8.85 -3.52 17.86
N GLN A 46 7.57 -3.17 17.79
CA GLN A 46 7.06 -2.54 16.58
C GLN A 46 7.81 -1.24 16.31
N ASP A 47 8.07 -0.45 17.35
CA ASP A 47 8.80 0.79 17.16
C ASP A 47 10.24 0.53 16.76
N ARG A 48 10.91 -0.41 17.43
CA ARG A 48 12.29 -0.70 17.09
C ARG A 48 12.42 -1.09 15.63
N LYS A 49 11.53 -1.96 15.16
CA LYS A 49 11.62 -2.42 13.78
C LYS A 49 11.32 -1.29 12.81
N THR A 50 10.42 -0.39 13.18
CA THR A 50 10.14 0.79 12.37
C THR A 50 11.39 1.65 12.24
N GLN A 51 12.05 1.93 13.37
CA GLN A 51 13.20 2.81 13.34
C GLN A 51 14.37 2.16 12.59
N GLU A 52 14.55 0.86 12.73
CA GLU A 52 15.61 0.20 11.97
C GLU A 52 15.34 0.24 10.47
N ALA A 53 14.08 0.14 10.06
CA ALA A 53 13.74 0.29 8.65
C ALA A 53 14.06 1.70 8.15
N MSE A 54 13.69 2.72 8.93
CA MSE A 54 13.98 4.09 8.55
C MSE A 54 15.48 4.31 8.41
O MSE A 54 15.94 5.01 7.50
CB MSE A 54 13.42 5.06 9.59
CG MSE A 54 11.93 5.05 9.77
SE MSE A 54 10.98 5.83 8.27
CE MSE A 54 9.21 5.74 9.05
H MSE A 54 13.26 2.63 9.67
HA MSE A 54 13.55 4.28 7.70
HB2 MSE A 54 13.83 4.85 10.45
HB3 MSE A 54 13.68 5.96 9.33
HG2 MSE A 54 11.63 4.12 9.86
HG3 MSE A 54 11.71 5.55 10.56
HE1 MSE A 54 8.57 6.10 8.42
HE2 MSE A 54 9.00 4.81 9.25
HE3 MSE A 54 9.20 6.26 9.87
N ALA A 55 16.25 3.75 9.34
CA ALA A 55 17.70 3.91 9.28
C ALA A 55 18.29 3.22 8.06
N ALA A 56 17.79 2.02 7.73
CA ALA A 56 18.28 1.32 6.54
C ALA A 56 17.95 2.09 5.29
N SER A 57 16.77 2.71 5.27
CA SER A 57 16.36 3.53 4.13
C SER A 57 17.30 4.73 3.97
N LYS A 58 17.60 5.43 5.08
CA LYS A 58 18.49 6.57 5.00
C LYS A 58 19.86 6.17 4.47
N GLN A 59 20.38 5.02 4.91
CA GLN A 59 21.69 4.60 4.45
C GLN A 59 21.67 4.24 2.96
N PHE A 60 20.62 3.54 2.51
CA PHE A 60 20.51 3.20 1.09
C PHE A 60 20.41 4.45 0.22
N CYS A 61 19.63 5.43 0.65
CA CYS A 61 19.45 6.61 -0.19
C CYS A 61 20.73 7.42 -0.36
N LYS A 62 21.69 7.26 0.55
CA LYS A 62 22.99 7.94 0.41
C LYS A 62 23.88 7.30 -0.64
N GLU A 63 23.52 6.13 -1.15
CA GLU A 63 24.32 5.47 -2.17
C GLU A 63 24.23 6.21 -3.49
N PRO A 64 25.20 6.00 -4.38
N PRO A 64 25.20 6.00 -4.38
CA PRO A 64 25.15 6.69 -5.68
CA PRO A 64 25.15 6.67 -5.69
C PRO A 64 23.94 6.26 -6.50
C PRO A 64 23.91 6.27 -6.47
N LEU A 65 23.41 7.22 -7.25
CA LEU A 65 22.24 6.95 -8.09
C LEU A 65 22.43 5.75 -9.01
N THR A 66 23.62 5.59 -9.60
N THR A 66 23.62 5.57 -9.59
CA THR A 66 23.84 4.44 -10.48
CA THR A 66 23.82 4.44 -10.49
C THR A 66 23.60 3.14 -9.75
C THR A 66 23.60 3.13 -9.74
N PHE A 67 24.08 3.03 -8.51
CA PHE A 67 23.85 1.83 -7.73
C PHE A 67 22.38 1.68 -7.40
N LYS A 68 21.74 2.74 -6.91
CA LYS A 68 20.33 2.62 -6.55
C LYS A 68 19.51 2.20 -7.76
N SER A 69 19.79 2.81 -8.91
CA SER A 69 19.05 2.50 -10.13
C SER A 69 19.31 1.10 -10.63
N SER A 70 20.38 0.45 -10.19
CA SER A 70 20.63 -0.93 -10.57
C SER A 70 19.71 -1.89 -9.83
N CYS A 71 19.06 -1.44 -8.77
CA CYS A 71 18.20 -2.30 -7.97
C CYS A 71 16.80 -2.31 -8.58
N VAL A 72 16.71 -2.97 -9.72
N VAL A 72 16.70 -3.00 -9.72
CA VAL A 72 15.48 -3.05 -10.50
CA VAL A 72 15.51 -3.00 -10.55
C VAL A 72 15.38 -4.46 -11.06
C VAL A 72 15.39 -4.37 -11.22
N SER A 73 14.16 -4.81 -11.45
CA SER A 73 13.88 -6.13 -12.01
C SER A 73 12.92 -5.97 -13.18
N ASP A 74 13.11 -6.76 -14.23
CA ASP A 74 12.12 -6.78 -15.29
C ASP A 74 11.03 -7.83 -15.04
N LEU A 75 11.01 -8.46 -13.86
CA LEU A 75 9.98 -9.43 -13.49
C LEU A 75 9.02 -8.91 -12.43
N THR A 76 9.53 -8.21 -11.45
CA THR A 76 8.75 -7.66 -10.37
C THR A 76 8.96 -6.14 -10.37
N TYR A 77 7.95 -5.41 -9.87
CA TYR A 77 8.08 -3.98 -9.65
C TYR A 77 8.90 -3.64 -8.42
N SER A 78 9.31 -4.63 -7.63
CA SER A 78 10.14 -4.34 -6.49
C SER A 78 11.42 -3.63 -6.94
N GLY A 79 11.91 -2.77 -6.06
CA GLY A 79 13.15 -2.07 -6.32
C GLY A 79 13.00 -0.58 -6.39
N TYR A 80 14.00 0.08 -6.96
CA TYR A 80 14.18 1.51 -6.82
C TYR A 80 13.39 2.30 -7.85
N VAL A 81 12.85 3.42 -7.40
CA VAL A 81 12.18 4.43 -8.22
C VAL A 81 12.89 5.74 -7.94
N ALA A 82 13.42 6.37 -8.97
CA ALA A 82 14.11 7.63 -8.77
C ALA A 82 13.12 8.76 -8.55
N SER A 83 13.59 9.82 -7.88
CA SER A 83 12.81 11.04 -7.78
C SER A 83 12.44 11.51 -9.19
N GLY A 84 11.15 11.77 -9.40
CA GLY A 84 10.67 12.20 -10.69
C GLY A 84 10.29 11.09 -11.64
N GLU A 85 10.47 9.83 -11.25
CA GLU A 85 10.19 8.71 -12.13
C GLU A 85 8.72 8.31 -12.10
N GLU A 86 8.12 8.22 -10.92
CA GLU A 86 6.73 7.81 -10.84
C GLU A 86 5.82 8.93 -11.31
N VAL A 87 4.71 8.54 -11.93
N VAL A 87 4.72 8.57 -11.95
CA VAL A 87 3.69 9.44 -12.43
CA VAL A 87 3.74 9.54 -12.39
C VAL A 87 2.43 9.23 -11.61
C VAL A 87 2.40 9.27 -11.70
N THR A 88 1.81 10.33 -11.17
CA THR A 88 0.47 10.32 -10.58
C THR A 88 -0.33 11.38 -11.30
N ALA A 89 -1.45 11.01 -11.91
CA ALA A 89 -2.29 11.98 -12.59
C ALA A 89 -1.49 12.81 -13.60
N GLY A 90 -0.62 12.14 -14.35
CA GLY A 90 0.09 12.80 -15.43
C GLY A 90 1.21 13.70 -15.00
N LYS A 91 1.59 13.70 -13.73
CA LYS A 91 2.65 14.56 -13.24
C LYS A 91 3.67 13.73 -12.46
N PRO A 92 4.95 14.04 -12.60
N PRO A 92 4.95 14.10 -12.52
CA PRO A 92 5.95 13.31 -11.81
CA PRO A 92 5.96 13.35 -11.81
C PRO A 92 5.77 13.55 -10.32
C PRO A 92 5.91 13.60 -10.30
N ASP A 93 6.07 12.52 -9.54
CA ASP A 93 6.18 12.59 -8.09
C ASP A 93 7.65 12.67 -7.72
N PHE A 94 7.93 13.24 -6.57
N PHE A 94 7.94 13.36 -6.59
CA PHE A 94 9.33 13.49 -6.26
CA PHE A 94 9.30 13.67 -6.12
C PHE A 94 10.01 12.73 -5.13
C PHE A 94 10.04 12.61 -5.30
N PRO A 95 9.40 11.72 -4.53
CA PRO A 95 10.19 10.88 -3.62
C PRO A 95 11.04 9.91 -4.42
N GLU A 96 12.17 9.54 -3.82
N GLU A 96 12.14 9.50 -3.82
CA GLU A 96 12.82 8.28 -4.13
CA GLU A 96 12.79 8.27 -4.26
C GLU A 96 12.05 7.18 -3.40
C GLU A 96 12.24 7.15 -3.39
N ILE A 97 12.01 6.01 -4.00
CA ILE A 97 11.26 4.91 -3.40
C ILE A 97 12.01 3.61 -3.59
N PHE A 98 11.91 2.73 -2.60
CA PHE A 98 12.23 1.32 -2.79
C PHE A 98 10.96 0.54 -2.49
N THR A 99 10.46 -0.17 -3.50
CA THR A 99 9.24 -0.96 -3.35
C THR A 99 9.61 -2.40 -3.01
N VAL A 100 8.95 -2.94 -2.00
CA VAL A 100 9.15 -4.34 -1.60
C VAL A 100 7.85 -5.08 -1.86
N CYS A 101 7.83 -5.95 -2.87
CA CYS A 101 6.74 -6.87 -3.11
C CYS A 101 7.17 -8.27 -2.65
N LYS A 102 6.24 -9.22 -2.75
CA LYS A 102 6.52 -10.60 -2.39
C LYS A 102 7.81 -11.06 -3.06
N ASP A 103 8.70 -11.65 -2.27
CA ASP A 103 10.07 -11.92 -2.73
C ASP A 103 10.13 -13.35 -3.23
N LEU A 104 10.01 -13.52 -4.54
CA LEU A 104 9.93 -14.85 -5.17
C LEU A 104 11.10 -15.05 -6.11
N SER A 105 11.85 -16.12 -5.90
CA SER A 105 12.97 -16.42 -6.77
C SER A 105 12.49 -17.00 -8.10
N VAL A 106 13.43 -17.13 -9.02
CA VAL A 106 13.12 -17.79 -10.28
C VAL A 106 12.89 -19.29 -10.13
N GLY A 107 13.08 -19.83 -8.93
CA GLY A 107 12.67 -21.18 -8.63
C GLY A 107 11.19 -21.32 -8.30
N ASP A 108 10.49 -20.21 -8.05
CA ASP A 108 9.06 -20.26 -7.75
C ASP A 108 8.26 -20.54 -9.02
N GLN A 109 7.25 -21.41 -8.89
N GLN A 109 7.27 -21.43 -8.91
CA GLN A 109 6.49 -21.85 -10.06
CA GLN A 109 6.52 -21.82 -10.10
C GLN A 109 5.69 -20.71 -10.71
C GLN A 109 5.81 -20.63 -10.75
N ARG A 110 5.32 -19.68 -9.95
CA ARG A 110 4.62 -18.55 -10.54
C ARG A 110 5.57 -17.72 -11.40
N VAL A 111 6.82 -17.61 -10.97
CA VAL A 111 7.82 -16.88 -11.75
C VAL A 111 8.16 -17.66 -13.01
N LYS A 112 8.32 -18.97 -12.88
CA LYS A 112 8.59 -19.79 -14.06
C LYS A 112 7.47 -19.67 -15.08
N ALA A 113 6.24 -19.59 -14.61
CA ALA A 113 5.06 -19.47 -15.48
C ALA A 113 4.90 -18.07 -16.04
N GLY A 114 5.74 -17.10 -15.66
CA GLY A 114 5.66 -15.76 -16.21
C GLY A 114 4.51 -14.92 -15.71
N TRP A 115 4.04 -15.18 -14.50
CA TRP A 115 2.96 -14.37 -13.97
C TRP A 115 3.40 -12.92 -13.83
N PRO A 116 2.61 -11.95 -14.27
CA PRO A 116 3.04 -10.56 -14.15
C PRO A 116 3.31 -10.21 -12.70
N CYS A 117 4.38 -9.45 -12.50
CA CYS A 117 4.74 -8.82 -11.25
C CYS A 117 5.41 -9.78 -10.27
N HIS A 118 5.60 -11.05 -10.63
CA HIS A 118 6.19 -12.03 -9.72
C HIS A 118 7.68 -12.18 -10.01
N GLY A 119 8.50 -11.94 -8.99
CA GLY A 119 9.92 -12.12 -9.11
C GLY A 119 10.63 -11.66 -7.86
N PRO A 120 11.96 -11.68 -7.90
CA PRO A 120 12.73 -11.46 -6.66
C PRO A 120 13.03 -10.00 -6.40
N VAL A 121 12.96 -9.61 -5.14
CA VAL A 121 13.26 -8.23 -4.77
C VAL A 121 14.75 -7.95 -5.05
N PRO A 122 15.07 -6.87 -5.73
CA PRO A 122 16.51 -6.57 -5.98
C PRO A 122 17.11 -5.83 -4.79
N TRP A 123 17.26 -6.55 -3.68
CA TRP A 123 17.67 -5.93 -2.44
C TRP A 123 19.02 -5.23 -2.61
N PRO A 124 19.21 -4.08 -1.99
CA PRO A 124 20.53 -3.46 -2.10
C PRO A 124 21.60 -4.22 -1.36
N ASN A 125 21.25 -4.84 -0.24
CA ASN A 125 22.15 -5.68 0.52
C ASN A 125 21.32 -6.47 1.52
N ASN A 126 21.96 -7.43 2.18
N ASN A 126 21.98 -7.39 2.22
CA ASN A 126 21.22 -8.37 3.00
CA ASN A 126 21.29 -8.32 3.12
C ASN A 126 20.85 -7.80 4.36
C ASN A 126 20.78 -7.61 4.37
N THR A 127 21.47 -6.70 4.80
N THR A 127 21.55 -6.63 4.88
CA THR A 127 20.98 -6.06 6.03
CA THR A 127 21.09 -5.90 6.06
C THR A 127 19.72 -5.25 5.76
C THR A 127 19.76 -5.22 5.78
N TYR A 128 19.64 -4.57 4.62
CA TYR A 128 18.41 -3.92 4.22
C TYR A 128 17.29 -4.94 4.08
N GLN A 129 17.58 -6.08 3.44
CA GLN A 129 16.61 -7.15 3.30
C GLN A 129 16.07 -7.58 4.65
N LYS A 130 16.96 -7.86 5.60
CA LYS A 130 16.50 -8.35 6.90
C LYS A 130 15.66 -7.30 7.60
N SER A 131 16.06 -6.03 7.54
CA SER A 131 15.32 -5.00 8.24
C SER A 131 13.92 -4.85 7.66
N MSE A 132 13.80 -4.91 6.34
CA MSE A 132 12.50 -4.74 5.73
C MSE A 132 11.60 -5.96 5.93
O MSE A 132 10.41 -5.80 6.19
CB MSE A 132 12.59 -4.40 4.24
CG MSE A 132 13.37 -3.13 3.96
SE MSE A 132 12.83 -1.62 5.06
CE MSE A 132 14.18 -0.37 4.54
H MSE A 132 14.44 -5.06 5.78
HA MSE A 132 12.06 -3.98 6.16
HB2 MSE A 132 13.03 -5.13 3.78
HB3 MSE A 132 11.69 -4.28 3.89
HG2 MSE A 132 14.32 -3.30 4.13
HG3 MSE A 132 13.24 -2.88 3.04
HE1 MSE A 132 14.05 0.46 5.01
HE2 MSE A 132 15.06 -0.73 4.75
HE3 MSE A 132 14.13 -0.21 3.58
N LYS A 133 12.16 -7.17 5.83
N LYS A 133 12.17 -7.16 5.81
CA LYS A 133 11.35 -8.35 6.04
CA LYS A 133 11.38 -8.36 6.05
C LYS A 133 10.86 -8.44 7.48
C LYS A 133 10.84 -8.39 7.47
N THR A 134 11.71 -8.10 8.45
CA THR A 134 11.29 -8.12 9.85
C THR A 134 10.19 -7.09 10.09
N PHE A 135 10.33 -5.91 9.51
CA PHE A 135 9.31 -4.88 9.68
C PHE A 135 8.00 -5.32 9.04
N MSE A 136 8.05 -5.85 7.83
CA MSE A 136 6.84 -6.28 7.15
C MSE A 136 6.14 -7.45 7.83
O MSE A 136 4.92 -7.55 7.79
CB MSE A 136 7.15 -6.58 5.70
CG MSE A 136 7.46 -5.32 4.94
SE MSE A 136 7.98 -5.66 3.11
CE MSE A 136 6.28 -6.16 2.42
H MSE A 136 8.78 -5.98 7.39
HA MSE A 136 6.23 -5.53 7.15
HB2 MSE A 136 7.91 -7.18 5.64
HB3 MSE A 136 6.37 -7.01 5.29
HG2 MSE A 136 6.67 -4.75 4.93
HG3 MSE A 136 8.19 -4.87 5.38
HE1 MSE A 136 6.37 -6.38 1.48
HE2 MSE A 136 5.96 -6.94 2.90
HE3 MSE A 136 5.66 -5.43 2.54
N GLU A 137 6.89 -8.34 8.50
CA GLU A 137 6.25 -9.39 9.27
C GLU A 137 5.41 -8.79 10.41
N GLU A 138 5.97 -7.80 11.10
CA GLU A 138 5.23 -7.12 12.16
C GLU A 138 4.04 -6.35 11.61
N LEU A 139 4.21 -5.66 10.49
CA LEU A 139 3.11 -4.94 9.87
C LEU A 139 1.99 -5.89 9.46
N GLY A 140 2.36 -7.06 8.95
CA GLY A 140 1.35 -8.04 8.56
C GLY A 140 0.53 -8.54 9.75
N LEU A 141 1.20 -8.75 10.88
CA LEU A 141 0.44 -9.15 12.08
C LEU A 141 -0.59 -8.09 12.44
N ALA A 142 -0.23 -6.82 12.34
CA ALA A 142 -1.18 -5.76 12.62
C ALA A 142 -2.28 -5.72 11.58
N GLY A 143 -1.93 -5.90 10.31
CA GLY A 143 -2.94 -5.95 9.26
C GLY A 143 -3.99 -7.02 9.50
N GLU A 144 -3.54 -8.21 9.91
CA GLU A 144 -4.49 -9.29 10.17
C GLU A 144 -5.41 -8.95 11.35
N ARG A 145 -4.86 -8.38 12.42
CA ARG A 145 -5.70 -7.94 13.54
C ARG A 145 -6.75 -6.97 13.06
N LEU A 146 -6.32 -5.97 12.28
CA LEU A 146 -7.23 -4.93 11.78
C LEU A 146 -8.34 -5.52 10.94
N LEU A 147 -8.01 -6.49 10.10
CA LEU A 147 -9.02 -7.09 9.23
C LEU A 147 -10.03 -7.91 10.02
N LYS A 148 -9.59 -8.61 11.07
CA LYS A 148 -10.53 -9.34 11.90
C LYS A 148 -11.44 -8.38 12.65
N LEU A 149 -10.86 -7.30 13.17
CA LEU A 149 -11.67 -6.31 13.88
C LEU A 149 -12.67 -5.64 12.94
N THR A 150 -12.26 -5.33 11.72
CA THR A 150 -13.15 -4.69 10.76
C THR A 150 -14.33 -5.60 10.43
N ALA A 151 -14.05 -6.89 10.19
CA ALA A 151 -15.14 -7.83 9.96
C ALA A 151 -16.11 -7.84 11.13
N LEU A 152 -15.59 -7.93 12.35
CA LEU A 152 -16.45 -7.98 13.53
C LEU A 152 -17.29 -6.71 13.63
N GLY A 153 -16.71 -5.56 13.30
CA GLY A 153 -17.43 -4.31 13.43
C GLY A 153 -18.60 -4.22 12.47
N PHE A 154 -18.50 -4.87 11.31
CA PHE A 154 -19.56 -4.96 10.34
C PHE A 154 -20.49 -6.16 10.55
N GLU A 155 -20.33 -6.88 11.65
CA GLU A 155 -21.18 -8.05 11.94
C GLU A 155 -20.99 -9.15 10.91
N LEU A 156 -19.81 -9.25 10.37
CA LEU A 156 -19.44 -10.31 9.45
C LEU A 156 -18.66 -11.40 10.16
N PRO A 157 -18.62 -12.60 9.60
CA PRO A 157 -17.72 -13.63 10.15
C PRO A 157 -16.30 -13.10 10.27
N ILE A 158 -15.66 -13.44 11.38
CA ILE A 158 -14.35 -12.86 11.73
C ILE A 158 -13.32 -13.05 10.63
N ASN A 159 -13.41 -14.13 9.85
CA ASN A 159 -12.41 -14.44 8.83
C ASN A 159 -12.76 -13.91 7.44
N THR A 160 -13.77 -13.03 7.35
CA THR A 160 -14.24 -12.60 6.03
C THR A 160 -13.12 -12.02 5.19
N PHE A 161 -12.33 -11.10 5.77
CA PHE A 161 -11.27 -10.47 4.98
C PHE A 161 -9.98 -11.28 5.02
N THR A 162 -9.66 -11.90 6.16
CA THR A 162 -8.44 -12.69 6.22
C THR A 162 -8.49 -13.92 5.31
N ASP A 163 -9.68 -14.41 4.97
CA ASP A 163 -9.79 -15.49 4.00
C ASP A 163 -9.29 -15.07 2.62
N LEU A 164 -9.19 -13.77 2.36
CA LEU A 164 -8.68 -13.29 1.09
C LEU A 164 -7.19 -12.95 1.13
N THR A 165 -6.58 -12.92 2.30
CA THR A 165 -5.19 -12.47 2.46
C THR A 165 -4.22 -13.58 2.76
N ARG A 166 -4.62 -14.85 2.61
CA ARG A 166 -3.65 -15.93 2.74
C ARG A 166 -2.66 -15.82 1.59
N ASP A 167 -1.38 -15.84 1.91
CA ASP A 167 -0.32 -15.53 0.95
C ASP A 167 -0.62 -14.21 0.23
N GLY A 168 -1.13 -13.25 1.00
CA GLY A 168 -1.54 -11.98 0.41
C GLY A 168 -0.39 -11.25 -0.26
N TRP A 169 -0.74 -10.41 -1.23
CA TRP A 169 0.23 -9.65 -2.03
C TRP A 169 0.70 -8.40 -1.27
N HIS A 170 1.10 -8.57 -0.02
CA HIS A 170 1.49 -7.43 0.79
C HIS A 170 2.74 -6.82 0.19
N HIS A 171 2.82 -5.50 0.27
CA HIS A 171 3.99 -4.82 -0.27
C HIS A 171 4.18 -3.51 0.48
N MSE A 172 5.32 -2.86 0.24
CA MSE A 172 5.64 -1.65 0.97
C MSE A 172 6.43 -0.71 0.10
O MSE A 172 7.26 -1.14 -0.69
CB MSE A 172 6.45 -2.01 2.21
CG MSE A 172 6.84 -0.83 3.07
SE MSE A 172 7.48 -1.31 4.85
CE MSE A 172 9.09 -2.22 4.28
H MSE A 172 5.91 -3.11 -0.33
HA MSE A 172 4.82 -1.23 1.25
HB2 MSE A 172 5.93 -2.61 2.76
HB3 MSE A 172 7.27 -2.45 1.95
HG2 MSE A 172 7.54 -0.34 2.62
HG3 MSE A 172 6.06 -0.26 3.18
HE1 MSE A 172 9.56 -2.54 5.06
HE2 MSE A 172 8.85 -2.96 3.71
HE3 MSE A 172 9.65 -1.60 3.79
N ARG A 173 6.16 0.59 0.25
CA ARG A 173 6.92 1.66 -0.37
C ARG A 173 7.75 2.32 0.72
N VAL A 174 9.06 2.29 0.54
CA VAL A 174 10.01 2.86 1.47
C VAL A 174 10.47 4.17 0.83
N LEU A 175 10.07 5.30 1.40
CA LEU A 175 10.12 6.59 0.72
C LEU A 175 11.12 7.55 1.35
N ARG A 176 11.79 8.34 0.51
CA ARG A 176 12.50 9.53 0.96
C ARG A 176 12.05 10.68 0.07
N PHE A 177 11.46 11.69 0.67
CA PHE A 177 11.11 12.92 -0.04
C PHE A 177 12.25 13.91 0.12
N PRO A 178 12.71 14.51 -0.96
CA PRO A 178 13.74 15.54 -0.85
C PRO A 178 13.16 16.78 -0.18
N PRO A 179 14.01 17.68 0.32
CA PRO A 179 13.51 19.01 0.67
C PRO A 179 13.03 19.71 -0.58
N GLN A 180 12.10 20.64 -0.41
CA GLN A 180 11.68 21.47 -1.54
C GLN A 180 12.84 22.36 -1.97
N THR A 181 13.19 22.32 -3.28
CA THR A 181 14.27 23.11 -3.83
C THR A 181 13.83 24.02 -4.97
N SER A 182 12.63 23.83 -5.52
CA SER A 182 12.09 24.66 -6.58
C SER A 182 10.77 25.23 -6.09
N THR A 183 10.07 25.93 -6.99
CA THR A 183 8.73 26.43 -6.67
C THR A 183 7.70 25.32 -6.48
N LEU A 184 8.00 24.10 -6.90
CA LEU A 184 7.05 23.01 -6.80
C LEU A 184 7.07 22.40 -5.41
N SER A 185 5.93 22.40 -4.75
CA SER A 185 5.79 21.78 -3.43
C SER A 185 5.22 20.37 -3.48
N ARG A 186 4.76 19.90 -4.64
CA ARG A 186 4.11 18.59 -4.75
C ARG A 186 5.12 17.47 -4.51
N GLY A 187 4.86 16.65 -3.50
CA GLY A 187 5.63 15.45 -3.27
C GLY A 187 5.04 14.27 -4.01
N ILE A 188 3.83 13.90 -3.61
CA ILE A 188 3.01 12.95 -4.35
C ILE A 188 1.65 13.60 -4.50
N GLY A 189 1.08 13.51 -5.69
CA GLY A 189 -0.25 14.02 -5.91
C GLY A 189 -1.32 13.21 -5.19
N ALA A 190 -2.51 13.80 -5.11
CA ALA A 190 -3.64 13.12 -4.50
C ALA A 190 -3.91 11.79 -5.18
N HIS A 191 -4.21 10.77 -4.38
CA HIS A 191 -4.47 9.44 -4.91
C HIS A 191 -5.06 8.60 -3.79
N THR A 192 -5.52 7.41 -4.17
CA THR A 192 -5.88 6.35 -3.24
C THR A 192 -5.03 5.12 -3.51
N ASP A 193 -4.77 4.34 -2.48
CA ASP A 193 -4.05 3.09 -2.62
C ASP A 193 -5.05 1.94 -2.82
N TYR A 194 -4.49 0.74 -3.13
CA TYR A 194 -5.19 -0.19 -4.00
C TYR A 194 -5.77 -1.41 -3.31
N GLY A 195 -5.33 -1.72 -2.10
CA GLY A 195 -5.67 -2.98 -1.46
C GLY A 195 -6.66 -2.83 -0.32
N LEU A 196 -6.48 -3.60 0.75
CA LEU A 196 -7.42 -3.56 1.86
C LEU A 196 -7.08 -2.43 2.82
N LEU A 197 -5.84 -2.39 3.30
CA LEU A 197 -5.41 -1.45 4.30
C LEU A 197 -4.09 -0.85 3.92
N VAL A 198 -3.88 0.38 4.38
CA VAL A 198 -2.59 1.04 4.32
C VAL A 198 -2.19 1.32 5.76
N ILE A 199 -1.03 0.81 6.16
CA ILE A 199 -0.44 1.07 7.46
C ILE A 199 0.84 1.84 7.20
N ALA A 200 0.99 3.02 7.80
CA ALA A 200 2.08 3.89 7.45
C ALA A 200 2.79 4.41 8.68
N ALA A 201 4.07 4.70 8.47
CA ALA A 201 4.93 5.28 9.48
C ALA A 201 5.64 6.46 8.85
N GLN A 202 6.00 7.44 9.68
CA GLN A 202 6.74 8.59 9.20
C GLN A 202 7.67 9.09 10.27
N ASP A 203 8.69 9.82 9.84
CA ASP A 203 9.60 10.48 10.78
C ASP A 203 8.99 11.79 11.29
N ASP A 204 9.83 12.68 11.83
CA ASP A 204 9.37 13.88 12.51
C ASP A 204 9.05 15.03 11.57
N VAL A 205 9.34 14.93 10.28
CA VAL A 205 9.37 16.12 9.44
C VAL A 205 7.96 16.63 9.13
N GLY A 206 7.09 15.77 8.65
CA GLY A 206 5.73 16.15 8.31
C GLY A 206 5.52 16.45 6.84
N GLY A 207 4.37 16.05 6.32
CA GLY A 207 4.02 16.34 4.94
C GLY A 207 2.84 15.55 4.39
N LEU A 208 2.31 14.57 5.14
CA LEU A 208 1.18 13.77 4.69
C LEU A 208 -0.14 14.46 5.02
N TYR A 209 -1.01 14.55 4.03
CA TYR A 209 -2.37 15.08 4.19
C TYR A 209 -3.36 14.04 3.71
N ILE A 210 -4.48 13.93 4.41
CA ILE A 210 -5.51 12.96 4.05
C ILE A 210 -6.85 13.67 3.97
N ARG A 211 -7.74 13.13 3.15
CA ARG A 211 -9.07 13.70 2.97
C ARG A 211 -10.08 12.85 3.71
N PRO A 212 -10.78 13.38 4.72
CA PRO A 212 -11.82 12.60 5.41
C PRO A 212 -13.02 12.40 4.50
N PRO A 213 -13.91 11.48 4.86
CA PRO A 213 -15.19 11.41 4.14
C PRO A 213 -15.91 12.75 4.22
N VAL A 214 -16.54 13.14 3.12
CA VAL A 214 -17.27 14.39 3.00
C VAL A 214 -18.70 14.07 2.58
N GLU A 215 -19.65 14.49 3.40
CA GLU A 215 -21.04 14.15 3.14
C GLU A 215 -21.45 14.58 1.75
N GLY A 216 -22.01 13.65 0.97
CA GLY A 216 -22.53 13.95 -0.34
C GLY A 216 -21.50 13.96 -1.45
N GLU A 217 -20.22 13.85 -1.12
CA GLU A 217 -19.17 13.92 -2.13
C GLU A 217 -19.01 12.58 -2.85
N LYS A 218 -19.10 12.62 -4.18
CA LYS A 218 -18.95 11.42 -4.98
C LYS A 218 -17.48 11.00 -5.00
N ARG A 219 -17.21 9.71 -4.77
CA ARG A 219 -15.86 9.19 -4.80
C ARG A 219 -15.68 8.23 -5.97
N ASN A 220 -14.66 8.50 -6.78
CA ASN A 220 -14.34 7.63 -7.88
C ASN A 220 -13.96 6.25 -7.38
N ARG A 221 -14.28 5.26 -8.19
CA ARG A 221 -13.98 3.87 -7.92
C ARG A 221 -12.72 3.55 -8.70
N ASN A 222 -11.58 3.67 -8.02
CA ASN A 222 -10.28 3.68 -8.70
C ASN A 222 -9.94 2.33 -9.32
N TRP A 223 -10.71 1.30 -9.03
CA TRP A 223 -10.55 0.03 -9.73
C TRP A 223 -11.16 0.04 -11.12
N LEU A 224 -11.92 1.07 -11.45
CA LEU A 224 -12.50 1.18 -12.79
C LEU A 224 -11.63 2.08 -13.64
N PRO A 225 -11.30 1.69 -14.87
CA PRO A 225 -10.40 2.52 -15.69
C PRO A 225 -10.97 3.90 -16.00
N GLY A 226 -12.28 4.04 -16.01
CA GLY A 226 -12.89 5.33 -16.23
C GLY A 226 -13.17 6.13 -14.98
N GLU A 227 -12.64 5.72 -13.82
CA GLU A 227 -12.82 6.46 -12.58
C GLU A 227 -11.54 6.43 -11.75
N SER A 228 -10.41 6.76 -12.36
CA SER A 228 -9.19 6.88 -11.58
C SER A 228 -9.36 7.94 -10.49
N SER A 229 -8.87 7.63 -9.29
CA SER A 229 -8.86 8.61 -8.21
C SER A 229 -7.61 9.49 -8.21
N ALA A 230 -6.65 9.24 -9.10
CA ALA A 230 -5.45 10.04 -9.12
C ALA A 230 -5.77 11.49 -9.48
N GLY A 231 -5.27 12.42 -8.66
CA GLY A 231 -5.46 13.84 -8.84
C GLY A 231 -6.77 14.38 -8.30
N MSE A 232 -7.73 13.54 -7.95
CA MSE A 232 -9.03 14.04 -7.57
C MSE A 232 -8.96 14.79 -6.23
O MSE A 232 -8.39 14.29 -5.27
CB MSE A 232 -10.07 12.91 -7.51
CG MSE A 232 -10.30 12.14 -8.83
SE MSE A 232 -10.99 13.16 -10.36
CE MSE A 232 -12.04 14.42 -9.34
H MSE A 232 -7.65 12.68 -7.93
HA MSE A 232 -9.33 14.67 -8.26
HB2 MSE A 232 -9.76 12.26 -6.85
HB3 MSE A 232 -10.91 13.27 -7.23
HG2 MSE A 232 -9.45 11.75 -9.12
HG3 MSE A 232 -10.93 11.43 -8.66
HE1 MSE A 232 -12.47 15.04 -9.95
HE2 MSE A 232 -12.70 13.94 -8.83
HE3 MSE A 232 -11.45 14.91 -8.75
N PHE A 233 -9.57 15.98 -6.20
CA PHE A 233 -9.69 16.84 -5.02
C PHE A 233 -8.38 17.51 -4.61
N GLU A 234 -7.33 17.42 -5.44
CA GLU A 234 -6.01 17.90 -5.07
C GLU A 234 -6.04 19.26 -4.39
N HIS A 235 -6.75 20.23 -4.98
CA HIS A 235 -6.70 21.61 -4.52
C HIS A 235 -7.97 22.05 -3.80
N ASP A 236 -8.82 21.11 -3.40
CA ASP A 236 -10.06 21.43 -2.70
C ASP A 236 -9.94 20.99 -1.24
N GLU A 237 -10.35 21.85 -0.32
CA GLU A 237 -10.48 21.40 1.05
C GLU A 237 -11.63 20.38 1.13
N PRO A 238 -11.67 19.56 2.18
CA PRO A 238 -10.74 19.55 3.33
C PRO A 238 -9.59 18.58 3.17
N TRP A 239 -8.42 19.00 3.66
CA TRP A 239 -7.25 18.13 3.77
C TRP A 239 -6.75 18.21 5.20
N THR A 240 -6.67 17.06 5.88
CA THR A 240 -6.22 16.96 7.26
C THR A 240 -4.73 16.67 7.26
N PHE A 241 -3.93 17.52 7.93
CA PHE A 241 -2.52 17.23 8.11
C PHE A 241 -2.34 16.11 9.14
N VAL A 242 -1.53 15.10 8.80
CA VAL A 242 -1.27 13.97 9.69
C VAL A 242 -0.03 14.33 10.50
N THR A 243 -0.24 14.92 11.67
CA THR A 243 0.85 15.44 12.48
C THR A 243 1.80 14.31 12.87
N PRO A 244 3.10 14.44 12.62
CA PRO A 244 4.04 13.43 13.11
C PRO A 244 3.92 13.27 14.61
N THR A 245 3.82 12.03 15.05
CA THR A 245 3.56 11.67 16.43
C THR A 245 4.41 10.45 16.76
N PRO A 246 5.30 10.49 17.74
CA PRO A 246 6.08 9.29 18.07
C PRO A 246 5.18 8.15 18.53
N GLY A 247 5.58 6.93 18.17
CA GLY A 247 4.97 5.75 18.77
C GLY A 247 3.63 5.35 18.19
N VAL A 248 3.36 5.69 16.94
CA VAL A 248 2.14 5.28 16.27
C VAL A 248 2.44 4.92 14.82
N TRP A 249 1.56 4.10 14.27
CA TRP A 249 1.38 3.95 12.84
C TRP A 249 -0.01 4.48 12.50
N THR A 250 -0.19 4.94 11.27
CA THR A 250 -1.52 5.32 10.82
C THR A 250 -2.13 4.20 9.98
N VAL A 251 -3.46 4.19 9.91
CA VAL A 251 -4.16 3.17 9.17
C VAL A 251 -5.32 3.81 8.42
N PHE A 252 -5.44 3.52 7.13
CA PHE A 252 -6.61 3.95 6.37
C PHE A 252 -6.98 2.90 5.32
N PRO A 253 -8.23 2.92 4.86
CA PRO A 253 -8.66 1.91 3.87
C PRO A 253 -8.10 2.19 2.49
N GLY A 254 -7.94 1.10 1.73
CA GLY A 254 -7.65 1.15 0.32
C GLY A 254 -8.85 0.77 -0.55
N ASP A 255 -8.59 0.70 -1.85
CA ASP A 255 -9.66 0.57 -2.83
C ASP A 255 -10.51 -0.68 -2.59
N ILE A 256 -9.89 -1.80 -2.19
CA ILE A 256 -10.65 -3.03 -2.05
C ILE A 256 -11.66 -2.90 -0.94
N LEU A 257 -11.31 -2.21 0.14
CA LEU A 257 -12.28 -2.05 1.21
C LEU A 257 -13.42 -1.14 0.79
N GLN A 258 -13.14 -0.09 0.01
CA GLN A 258 -14.22 0.72 -0.54
C GLN A 258 -15.17 -0.12 -1.38
N PHE A 259 -14.62 -0.92 -2.29
CA PHE A 259 -15.46 -1.76 -3.13
C PHE A 259 -16.26 -2.77 -2.31
N MSE A 260 -15.59 -3.51 -1.44
CA MSE A 260 -16.26 -4.59 -0.73
C MSE A 260 -17.36 -4.06 0.18
O MSE A 260 -18.40 -4.71 0.34
CB MSE A 260 -15.27 -5.47 0.03
CG MSE A 260 -14.39 -6.26 -0.91
SE MSE A 260 -13.31 -7.61 -0.02
CE MSE A 260 -14.72 -8.75 0.66
H MSE A 260 -14.77 -3.41 -1.23
HA MSE A 260 -16.69 -5.16 -1.41
HB2 MSE A 260 -14.72 -4.91 0.58
HB3 MSE A 260 -15.78 -6.10 0.58
HG2 MSE A 260 -14.94 -6.72 -1.55
HG3 MSE A 260 -13.78 -5.65 -1.35
HE1 MSE A 260 -14.31 -9.49 1.13
HE2 MSE A 260 -15.28 -8.23 1.25
HE3 MSE A 260 -15.24 -9.08 -0.10
N THR A 261 -17.14 -2.88 0.78
CA THR A 261 -18.14 -2.32 1.68
C THR A 261 -19.15 -1.43 0.97
N GLY A 262 -19.12 -1.38 -0.37
CA GLY A 262 -20.07 -0.54 -1.10
C GLY A 262 -19.98 0.92 -0.72
N GLY A 263 -18.80 1.38 -0.34
CA GLY A 263 -18.62 2.77 0.03
C GLY A 263 -18.96 3.10 1.48
N GLN A 264 -19.34 2.12 2.29
CA GLN A 264 -19.47 2.40 3.72
C GLN A 264 -18.14 2.83 4.30
N LEU A 265 -17.05 2.23 3.82
CA LEU A 265 -15.71 2.76 3.97
C LEU A 265 -15.27 3.30 2.62
N LEU A 266 -14.44 4.33 2.66
CA LEU A 266 -13.89 4.94 1.46
C LEU A 266 -12.38 4.80 1.47
N SER A 267 -11.82 4.55 0.29
CA SER A 267 -10.38 4.53 0.15
C SER A 267 -9.89 5.95 0.36
N THR A 268 -9.09 6.18 1.39
CA THR A 268 -8.82 7.56 1.81
C THR A 268 -7.91 8.27 0.81
N PRO A 269 -8.35 9.37 0.21
CA PRO A 269 -7.43 10.15 -0.62
C PRO A 269 -6.35 10.78 0.23
N HIS A 270 -5.14 10.84 -0.31
CA HIS A 270 -4.03 11.40 0.44
C HIS A 270 -2.99 11.92 -0.54
N LYS A 271 -2.12 12.77 -0.02
CA LYS A 271 -1.09 13.42 -0.82
C LYS A 271 0.04 13.82 0.11
N VAL A 272 1.20 14.14 -0.47
CA VAL A 272 2.34 14.54 0.33
C VAL A 272 2.91 15.83 -0.23
N LYS A 273 3.18 16.77 0.67
CA LYS A 273 3.82 18.03 0.32
C LYS A 273 5.28 17.98 0.78
N LEU A 274 6.18 18.49 -0.07
CA LEU A 274 7.57 18.59 0.32
C LEU A 274 7.71 19.60 1.45
N ASN A 275 8.67 19.34 2.32
CA ASN A 275 8.97 20.22 3.46
C ASN A 275 10.35 20.83 3.26
N THR A 276 10.78 21.60 4.26
CA THR A 276 12.09 22.23 4.17
C THR A 276 13.24 21.29 4.46
N ARG A 277 12.94 20.11 4.99
N ARG A 277 12.94 20.10 4.98
CA ARG A 277 13.90 19.04 5.22
CA ARG A 277 13.92 19.05 5.20
C ARG A 277 13.44 17.81 4.47
C ARG A 277 13.44 17.80 4.48
N GLU A 278 14.39 16.92 4.17
CA GLU A 278 14.04 15.61 3.63
C GLU A 278 13.17 14.87 4.63
N ARG A 279 12.32 13.99 4.12
CA ARG A 279 11.33 13.29 4.95
C ARG A 279 11.34 11.81 4.61
N PHE A 280 11.49 10.97 5.62
CA PHE A 280 11.40 9.52 5.45
C PHE A 280 10.04 9.02 5.92
N ALA A 281 9.47 8.11 5.14
CA ALA A 281 8.20 7.48 5.49
C ALA A 281 8.20 6.08 4.88
N CYS A 282 7.35 5.22 5.43
CA CYS A 282 7.10 3.89 4.89
C CYS A 282 5.60 3.69 4.83
N ALA A 283 5.10 3.21 3.70
CA ALA A 283 3.68 2.91 3.52
C ALA A 283 3.57 1.44 3.18
N TYR A 284 2.85 0.70 4.02
CA TYR A 284 2.66 -0.73 3.88
C TYR A 284 1.23 -1.01 3.44
N PHE A 285 1.11 -1.95 2.51
CA PHE A 285 -0.15 -2.29 1.87
C PHE A 285 -0.47 -3.73 2.21
N HIS A 286 -1.55 -3.92 2.97
CA HIS A 286 -2.01 -5.24 3.36
C HIS A 286 -3.09 -5.64 2.38
N GLU A 287 -2.77 -6.58 1.50
CA GLU A 287 -3.49 -6.83 0.27
C GLU A 287 -4.08 -8.24 0.22
N PRO A 288 -5.11 -8.44 -0.60
CA PRO A 288 -5.52 -9.79 -0.96
C PRO A 288 -4.42 -10.57 -1.65
N ASN A 289 -4.58 -11.88 -1.64
CA ASN A 289 -3.83 -12.73 -2.55
C ASN A 289 -3.96 -12.20 -3.98
N PHE A 290 -2.88 -12.35 -4.75
CA PHE A 290 -2.88 -11.89 -6.14
C PHE A 290 -4.02 -12.51 -6.95
N GLU A 291 -4.42 -13.73 -6.61
CA GLU A 291 -5.46 -14.44 -7.33
C GLU A 291 -6.86 -14.25 -6.75
N ALA A 292 -7.00 -13.51 -5.66
CA ALA A 292 -8.29 -13.37 -5.00
C ALA A 292 -9.17 -12.39 -5.75
N SER A 293 -10.47 -12.64 -5.74
CA SER A 293 -11.45 -11.72 -6.30
C SER A 293 -12.27 -11.13 -5.16
N ALA A 294 -12.17 -9.82 -5.01
CA ALA A 294 -13.00 -9.11 -4.06
C ALA A 294 -14.43 -9.06 -4.58
N TYR A 295 -15.38 -8.99 -3.65
CA TYR A 295 -16.80 -9.06 -3.98
C TYR A 295 -17.57 -8.13 -3.04
N PRO A 296 -18.74 -7.66 -3.46
N PRO A 296 -18.74 -7.66 -3.46
CA PRO A 296 -19.55 -6.81 -2.57
CA PRO A 296 -19.54 -6.79 -2.57
C PRO A 296 -20.09 -7.61 -1.40
C PRO A 296 -20.14 -7.56 -1.41
N LEU A 297 -19.84 -7.10 -0.19
CA LEU A 297 -20.27 -7.82 1.02
C LEU A 297 -21.74 -7.65 1.29
N PHE A 298 -22.30 -6.50 0.94
CA PHE A 298 -23.64 -6.13 1.33
C PHE A 298 -24.61 -6.20 0.15
N GLU A 299 -24.19 -6.79 -0.97
CA GLU A 299 -25.05 -7.02 -2.12
C GLU A 299 -24.68 -8.36 -2.76
N PRO A 300 -25.12 -9.46 -2.16
CA PRO A 300 -24.75 -10.79 -2.71
C PRO A 300 -25.26 -11.05 -4.11
N SER A 301 -26.27 -10.30 -4.58
CA SER A 301 -26.75 -10.46 -5.95
C SER A 301 -25.94 -9.66 -6.95
N ALA A 302 -25.06 -8.77 -6.50
CA ALA A 302 -24.27 -7.97 -7.44
C ALA A 302 -23.20 -8.83 -8.10
N ASN A 303 -23.00 -8.62 -9.39
CA ASN A 303 -22.06 -9.41 -10.18
C ASN A 303 -20.65 -8.82 -10.24
N GLU A 304 -20.48 -7.57 -9.83
CA GLU A 304 -19.17 -6.92 -9.94
C GLU A 304 -18.13 -7.63 -9.07
N ARG A 305 -16.91 -7.72 -9.58
CA ARG A 305 -15.80 -8.28 -8.84
C ARG A 305 -14.54 -7.46 -9.15
N ILE A 306 -13.56 -7.53 -8.25
CA ILE A 306 -12.22 -7.01 -8.53
C ILE A 306 -11.26 -8.17 -8.39
N HIS A 307 -10.62 -8.57 -9.48
CA HIS A 307 -9.48 -9.47 -9.41
C HIS A 307 -8.30 -8.67 -8.91
N TYR A 308 -7.80 -8.97 -7.70
CA TYR A 308 -6.86 -8.07 -7.07
C TYR A 308 -5.57 -7.93 -7.86
N GLY A 309 -5.02 -9.06 -8.32
CA GLY A 309 -3.76 -9.00 -9.04
C GLY A 309 -3.87 -8.20 -10.32
N GLU A 310 -5.03 -8.25 -10.96
CA GLU A 310 -5.27 -7.42 -12.14
C GLU A 310 -5.26 -5.94 -11.78
N HIS A 311 -5.88 -5.57 -10.65
CA HIS A 311 -5.85 -4.19 -10.21
C HIS A 311 -4.42 -3.75 -9.90
N PHE A 312 -3.69 -4.55 -9.12
CA PHE A 312 -2.30 -4.23 -8.83
C PHE A 312 -1.51 -4.01 -10.11
N THR A 313 -1.62 -4.95 -11.06
CA THR A 313 -0.82 -4.88 -12.27
C THR A 313 -1.19 -3.65 -13.08
N ASN A 314 -2.48 -3.38 -13.24
CA ASN A 314 -2.89 -2.19 -13.96
C ASN A 314 -2.35 -0.93 -13.29
N MSE A 315 -2.40 -0.88 -11.97
CA MSE A 315 -1.94 0.32 -11.28
C MSE A 315 -0.44 0.53 -11.47
O MSE A 315 0.00 1.63 -11.77
CB MSE A 315 -2.27 0.23 -9.79
CG MSE A 315 -3.75 0.32 -9.45
SE MSE A 315 -4.62 1.93 -10.09
CE MSE A 315 -5.37 1.21 -11.71
H MSE A 315 -2.67 -1.50 -11.46
HA MSE A 315 -2.41 1.09 -11.64
HB2 MSE A 315 -1.93 -0.61 -9.44
HB3 MSE A 315 -1.83 0.97 -9.33
HG2 MSE A 315 -4.20 -0.44 -9.85
HG3 MSE A 315 -3.85 0.28 -8.49
HE1 MSE A 315 -5.86 1.91 -12.16
HE2 MSE A 315 -4.66 0.87 -12.27
HE3 MSE A 315 -5.98 0.49 -11.48
N PHE A 316 0.34 -0.53 -11.28
CA PHE A 316 1.79 -0.37 -11.39
C PHE A 316 2.20 -0.04 -12.83
N MSE A 317 1.47 -0.53 -13.82
CA MSE A 317 1.76 -0.15 -15.19
C MSE A 317 1.47 1.33 -15.39
O MSE A 317 2.20 2.00 -16.12
CB MSE A 317 0.97 -1.01 -16.17
CG MSE A 317 1.39 -2.45 -16.15
SE MSE A 317 0.32 -3.57 -17.30
CE MSE A 317 1.09 -3.10 -19.01
H MSE A 317 0.82 -1.09 -13.72
HA MSE A 317 2.71 -0.30 -15.35
HB2 MSE A 317 0.03 -0.97 -15.92
HB3 MSE A 317 1.10 -0.66 -17.06
HG2 MSE A 317 2.32 -2.51 -16.44
HG3 MSE A 317 1.32 -2.78 -15.24
HE1 MSE A 317 0.64 -3.60 -19.70
HE2 MSE A 317 0.97 -2.15 -19.16
HE3 MSE A 317 2.03 -3.32 -19.00
N ARG A 318 0.42 1.88 -14.75
CA ARG A 318 0.13 3.30 -14.94
C ARG A 318 1.10 4.18 -14.16
N CYS A 319 1.63 3.68 -13.05
CA CYS A 319 2.61 4.42 -12.26
C CYS A 319 3.94 4.51 -12.99
N TYR A 320 4.32 3.44 -13.70
CA TYR A 320 5.67 3.24 -14.22
C TYR A 320 5.61 2.84 -15.69
N PRO A 321 5.11 3.73 -16.55
CA PRO A 321 4.88 3.30 -17.95
C PRO A 321 6.14 2.88 -18.69
N ASP A 322 7.30 3.41 -18.31
CA ASP A 322 8.53 3.16 -19.05
C ASP A 322 9.51 2.25 -18.30
N ARG A 323 9.13 1.74 -17.14
CA ARG A 323 10.04 0.86 -16.41
C ARG A 323 10.22 -0.45 -17.15
N ILE A 324 11.40 -1.06 -16.98
CA ILE A 324 11.68 -2.33 -17.67
C ILE A 324 10.63 -3.38 -17.33
N THR A 325 10.08 -3.34 -16.11
CA THR A 325 9.04 -4.29 -15.73
C THR A 325 7.82 -4.16 -16.62
N THR A 326 7.39 -2.92 -16.86
CA THR A 326 6.23 -2.67 -17.70
C THR A 326 6.53 -3.07 -19.14
N GLN A 327 7.74 -2.75 -19.62
CA GLN A 327 8.11 -3.11 -20.98
C GLN A 327 8.02 -4.61 -21.19
N ARG A 328 8.49 -5.39 -20.21
CA ARG A 328 8.49 -6.84 -20.38
C ARG A 328 7.08 -7.41 -20.30
N ILE A 329 6.23 -6.85 -19.42
CA ILE A 329 4.83 -7.22 -19.42
C ILE A 329 4.23 -7.08 -20.82
N ASN A 330 4.44 -5.92 -21.44
CA ASN A 330 3.89 -5.68 -22.77
C ASN A 330 4.53 -6.61 -23.81
N LYS A 331 5.86 -6.76 -23.74
CA LYS A 331 6.57 -7.54 -24.76
C LYS A 331 6.12 -9.00 -24.76
N GLU A 332 6.06 -9.62 -23.59
CA GLU A 332 5.68 -11.02 -23.46
C GLU A 332 4.18 -11.20 -23.31
N ASN A 333 3.41 -10.12 -23.42
CA ASN A 333 1.95 -10.19 -23.28
C ASN A 333 1.55 -10.85 -21.97
N ARG A 334 2.20 -10.43 -20.88
CA ARG A 334 1.97 -11.07 -19.59
C ARG A 334 0.58 -10.77 -19.03
N LEU A 335 -0.07 -9.69 -19.47
CA LEU A 335 -1.44 -9.46 -19.06
C LEU A 335 -2.37 -10.54 -19.58
N ALA A 336 -2.05 -11.10 -20.75
CA ALA A 336 -2.83 -12.22 -21.26
C ALA A 336 -2.75 -13.41 -20.31
N HIS A 337 -1.53 -13.75 -19.90
CA HIS A 337 -1.36 -14.83 -18.93
C HIS A 337 -2.15 -14.55 -17.65
N LEU A 338 -2.25 -13.28 -17.26
CA LEU A 338 -3.06 -12.93 -16.10
C LEU A 338 -4.52 -13.31 -16.33
N GLU A 339 -5.00 -13.21 -17.56
CA GLU A 339 -6.33 -13.72 -17.88
C GLU A 339 -6.34 -15.25 -17.90
N ASP A 340 -5.26 -15.86 -18.39
CA ASP A 340 -5.20 -17.32 -18.40
C ASP A 340 -5.15 -17.88 -16.98
N LEU A 341 -4.21 -17.39 -16.17
CA LEU A 341 -4.07 -17.92 -14.80
C LEU A 341 -5.35 -17.77 -14.01
N LYS A 342 -6.28 -16.90 -14.43
CA LYS A 342 -7.59 -16.84 -13.81
C LYS A 342 -8.32 -18.18 -13.91
N LYS A 343 -7.95 -19.04 -14.87
CA LYS A 343 -8.70 -20.27 -15.10
C LYS A 343 -7.86 -21.54 -15.16
N TYR A 344 -6.52 -21.44 -15.11
CA TYR A 344 -5.69 -22.64 -15.22
C TYR A 344 -4.51 -22.65 -14.23
N SER A 345 -4.62 -21.88 -13.14
CA SER A 345 -3.58 -21.84 -12.12
C SER A 345 -3.53 -23.15 -11.34
N ASP A 346 -2.35 -23.42 -10.76
CA ASP A 346 -2.12 -24.63 -9.98
C ASP A 346 -1.78 -24.33 -8.52
N THR A 347 -1.88 -23.08 -8.09
CA THR A 347 -1.42 -22.70 -6.76
C THR A 347 -2.37 -23.13 -5.65
N ARG A 348 -3.63 -23.43 -5.96
CA ARG A 348 -4.63 -23.82 -4.97
C ARG A 348 -5.02 -22.67 -4.05
N ALA A 349 -4.53 -21.46 -4.29
CA ALA A 349 -4.96 -20.32 -3.49
C ALA A 349 -6.45 -20.07 -3.66
N THR A 350 -7.00 -20.40 -4.83
CA THR A 350 -8.42 -20.24 -5.11
C THR A 350 -8.93 -21.50 -5.81
N GLY A 351 -10.24 -21.69 -5.75
CA GLY A 351 -10.88 -22.78 -6.46
C GLY A 351 -10.63 -24.15 -5.86
MN MN B . -0.49 6.20 -1.09
C1 AKG C . 2.40 6.16 -0.79
O1 AKG C . 1.47 5.58 -1.41
O2 AKG C . 3.60 5.88 -0.96
C2 AKG C . 2.04 7.26 0.17
O5 AKG C . 0.92 7.56 0.23
C3 AKG C . 3.13 7.94 1.00
C4 AKG C . 2.68 8.24 2.42
C5 AKG C . 3.68 9.12 3.17
O3 AKG C . 3.54 9.34 4.40
O4 AKG C . 4.64 9.66 2.56
H31 AKG C . 3.90 7.36 1.03
H32 AKG C . 3.37 8.78 0.57
H41 AKG C . 2.58 7.40 2.90
H42 AKG C . 1.82 8.69 2.41
N AAR D . 1.19 6.89 -8.75
N AAR D . 1.22 6.96 -8.84
CA AAR D . 0.09 6.25 -8.04
CA AAR D . 0.14 6.34 -8.07
CB AAR D . -0.30 7.04 -6.79
CB AAR D . -0.17 7.13 -6.80
CG AAR D . 0.86 7.28 -5.82
CG AAR D . 0.96 7.03 -5.79
CD AAR D . 1.71 6.03 -5.58
CD AAR D . 0.93 5.70 -5.04
NE AAR D . 1.00 5.07 -4.76
NE AAR D . 1.65 4.72 -5.84
CZ AAR D . 1.16 3.63 -4.96
CZ AAR D . 1.53 3.33 -5.48
NH1 AAR D . 2.03 3.06 -5.99
NH1 AAR D . 0.72 3.01 -4.33
NH2 AAR D . 0.53 2.87 -4.21
NH2 AAR D . 2.14 2.43 -6.14
C AAR D . -1.15 6.16 -8.93
C AAR D . -1.14 6.26 -8.90
O AAR D . -2.10 5.55 -8.57
O AAR D . -2.07 5.63 -8.54
NT AAR D . -1.16 6.83 -10.20
NT AAR D . -1.21 6.97 -10.14
H2 AAR D . 0.98 7.74 -8.92
H2 AAR D . 0.99 7.81 -9.03
H AAR D . 1.33 6.48 -9.48
H AAR D . 1.35 6.53 -9.56
HA AAR D . 0.36 5.35 -7.78
HA AAR D . 0.41 5.44 -7.83
HB2 AAR D . -1.00 6.54 -6.33
HB2 AAR D . -0.98 6.78 -6.40
HB3 AAR D . -0.65 7.89 -7.07
HB3 AAR D . -0.31 8.06 -7.04
HG2 AAR D . 0.49 7.58 -4.97
HG2 AAR D . 0.87 7.76 -5.15
HG3 AAR D . 1.43 7.97 -6.18
HG3 AAR D . 1.81 7.12 -6.25
HD2 AAR D . 2.53 6.28 -5.15
HD2 AAR D . 0.01 5.42 -4.92
HD3 AAR D . 1.92 5.61 -6.44
HD3 AAR D . 1.36 5.80 -4.18
HE AAR D . 0.48 5.34 -4.13
HE AAR D . 2.12 4.96 -6.52
HH11 AAR D . 2.47 3.58 -6.51
HH11 AAR D . 0.32 3.64 -3.91
HH12 AAR D . 2.09 2.21 -6.07
HH12 AAR D . 0.63 2.20 -4.09
HH21 AAR D . 0.61 2.01 -4.30
HH21 AAR D . 2.06 1.60 -5.91
HH22 AAR D . 0.02 3.19 -3.60
HH22 AAR D . 2.61 2.63 -6.82
HNT1 AAR D . -1.86 6.78 -10.70
HNT1 AAR D . -1.92 6.94 -10.62
HNT2 AAR D . -0.47 7.28 -10.46
HNT2 AAR D . -0.54 7.43 -10.41
#